data_4GLF
#
_entry.id   4GLF
#
_cell.length_a   80.648
_cell.length_b   80.648
_cell.length_c   81.249
_cell.angle_alpha   90.00
_cell.angle_beta   90.00
_cell.angle_gamma   120.00
#
_symmetry.space_group_name_H-M   'P 63'
#
loop_
_entity.id
_entity.type
_entity.pdbx_description
1 polymer RsfP
2 water water
#
_entity_poly.entity_id   1
_entity_poly.type   'polypeptide(L)'
_entity_poly.pdbx_seq_one_letter_code
;MTSTAVEITVKNAADIAIIGGSGLYQMQALTNKRSVKIETPYGEPSDDIVLGELNGVTVAFLTRHGQGHRLTPSEVPYRA
NIYALKTLGVRYIVSVSAVGSLQETLKPLDMVIPDQMIDMTKQRVSTFFGDGAVAHVSMADPLCPEVADILIRAYDNADI
ADGQCHAKATYVCIEGPQFSTRAESHWYRQMQADIIGMTNMPEAKLAREASIAYATLALVTDFDCWHPNEQAVSADYAIQ
NLMKNADNAQQVIKQAVALIASEQPKSIAHTALTQALVTPVEAMSAETKTRLAALLP
;
_entity_poly.pdbx_strand_id   A
#
# COMPACT_ATOMS: atom_id res chain seq x y z
N LYS A 11 22.91 -0.83 -12.14
CA LYS A 11 21.59 -0.16 -11.90
C LYS A 11 21.21 -0.09 -10.40
N ASN A 12 20.47 0.96 -10.04
CA ASN A 12 19.83 1.08 -8.72
C ASN A 12 18.63 0.11 -8.64
N ALA A 13 18.56 -0.64 -7.51
CA ALA A 13 17.78 -1.88 -7.44
C ALA A 13 17.33 -2.08 -6.00
N ALA A 14 16.11 -2.57 -5.84
CA ALA A 14 15.58 -2.87 -4.55
C ALA A 14 14.58 -4.02 -4.66
N ASP A 15 14.66 -4.94 -3.72
CA ASP A 15 13.79 -6.08 -3.69
C ASP A 15 12.48 -5.68 -2.97
N ILE A 16 12.54 -4.65 -2.13
CA ILE A 16 11.44 -4.37 -1.22
C ILE A 16 11.13 -2.90 -1.30
N ALA A 17 9.82 -2.54 -1.23
CA ALA A 17 9.42 -1.13 -1.19
C ALA A 17 8.36 -0.89 -0.23
N ILE A 18 8.45 0.29 0.39
CA ILE A 18 7.43 0.82 1.26
C ILE A 18 6.71 2.04 0.59
N ILE A 19 5.38 2.01 0.60
CA ILE A 19 4.52 3.10 0.13
C ILE A 19 3.82 3.69 1.29
N GLY A 20 4.11 4.95 1.56
CA GLY A 20 3.41 5.58 2.67
C GLY A 20 3.64 7.09 2.77
N GLY A 21 3.73 7.64 3.99
CA GLY A 21 3.95 9.09 4.21
C GLY A 21 5.45 9.35 4.16
N SER A 22 5.91 10.61 4.12
CA SER A 22 7.37 10.88 3.99
C SER A 22 8.00 10.72 5.34
N GLY A 23 9.24 10.38 5.39
CA GLY A 23 9.80 10.26 6.71
C GLY A 23 9.42 8.98 7.37
N LEU A 24 8.80 8.10 6.61
CA LEU A 24 8.80 6.70 6.90
C LEU A 24 10.25 6.32 6.76
N TYR A 25 10.92 6.96 5.82
CA TYR A 25 12.33 6.72 5.57
C TYR A 25 13.25 7.61 6.44
N GLN A 26 12.73 8.53 7.23
CA GLN A 26 13.55 9.47 7.95
C GLN A 26 13.91 8.88 9.31
N MET A 27 14.90 7.99 9.28
CA MET A 27 15.36 7.27 10.47
C MET A 27 16.83 7.01 10.27
N GLN A 28 17.61 7.21 11.33
CA GLN A 28 19.06 7.09 11.27
CA GLN A 28 19.07 7.07 11.30
C GLN A 28 19.50 5.68 10.85
N ALA A 29 18.69 4.67 11.20
CA ALA A 29 18.92 3.27 10.79
C ALA A 29 19.04 3.08 9.28
N LEU A 30 18.41 3.98 8.51
CA LEU A 30 18.38 3.95 7.03
C LEU A 30 19.56 4.71 6.45
N THR A 31 20.52 3.97 5.91
CA THR A 31 21.81 4.54 5.52
C THR A 31 21.92 4.78 4.01
N ASN A 32 22.77 5.76 3.68
CA ASN A 32 23.08 6.17 2.32
C ASN A 32 21.78 6.50 1.61
N LYS A 33 20.93 7.24 2.32
CA LYS A 33 19.72 7.83 1.78
C LYS A 33 20.02 8.57 0.51
N ARG A 34 19.33 8.20 -0.56
CA ARG A 34 19.51 8.77 -1.89
C ARG A 34 18.18 8.86 -2.65
N SER A 35 18.08 9.71 -3.66
CA SER A 35 16.83 9.90 -4.41
C SER A 35 17.00 9.48 -5.86
N VAL A 36 15.95 8.93 -6.47
CA VAL A 36 16.04 8.63 -7.90
C VAL A 36 14.77 9.10 -8.57
N LYS A 37 14.94 9.75 -9.73
CA LYS A 37 13.86 10.25 -10.55
C LYS A 37 13.64 9.13 -11.60
N ILE A 38 12.50 8.48 -11.60
CA ILE A 38 12.25 7.39 -12.58
C ILE A 38 11.14 7.88 -13.49
N GLU A 39 11.33 7.87 -14.80
CA GLU A 39 10.25 8.22 -15.69
CA GLU A 39 10.26 8.23 -15.69
C GLU A 39 9.56 6.91 -16.08
N THR A 40 8.23 6.94 -16.30
CA THR A 40 7.56 5.73 -16.77
C THR A 40 6.66 6.03 -17.95
N PRO A 41 6.18 4.98 -18.65
CA PRO A 41 5.22 5.27 -19.73
C PRO A 41 3.96 5.92 -19.18
N TYR A 42 3.80 5.98 -17.87
CA TYR A 42 2.58 6.58 -17.28
C TYR A 42 2.80 7.98 -16.68
N GLY A 43 3.95 8.60 -16.91
CA GLY A 43 4.27 9.85 -16.25
C GLY A 43 5.12 9.61 -15.02
N GLU A 44 5.27 10.64 -14.20
CA GLU A 44 6.12 10.48 -13.08
C GLU A 44 5.38 9.95 -11.87
N PRO A 45 6.11 9.23 -11.00
CA PRO A 45 5.60 8.77 -9.76
C PRO A 45 5.23 10.00 -8.90
N SER A 46 4.59 9.77 -7.75
CA SER A 46 4.18 10.88 -6.88
C SER A 46 5.33 11.78 -6.46
N ASP A 47 6.50 11.19 -6.29
CA ASP A 47 7.71 11.94 -5.87
C ASP A 47 8.91 11.07 -6.22
N ASP A 48 10.10 11.65 -6.20
CA ASP A 48 11.32 10.88 -6.34
C ASP A 48 11.26 9.73 -5.30
N ILE A 49 11.53 8.50 -5.73
CA ILE A 49 11.72 7.36 -4.83
C ILE A 49 13.04 7.49 -4.03
N VAL A 50 12.96 7.36 -2.71
CA VAL A 50 14.14 7.35 -1.84
C VAL A 50 14.60 5.88 -1.66
N LEU A 51 15.89 5.66 -1.78
CA LEU A 51 16.51 4.34 -1.60
C LEU A 51 17.49 4.45 -0.42
N GLY A 52 17.62 3.39 0.39
CA GLY A 52 18.69 3.36 1.39
C GLY A 52 18.75 1.94 1.92
N GLU A 53 19.64 1.70 2.87
CA GLU A 53 19.80 0.36 3.41
C GLU A 53 19.38 0.30 4.86
N LEU A 54 18.67 -0.79 5.16
CA LEU A 54 18.31 -1.15 6.54
C LEU A 54 19.14 -2.41 6.82
N ASN A 55 20.19 -2.25 7.62
CA ASN A 55 21.15 -3.34 7.89
C ASN A 55 21.62 -4.05 6.58
N GLY A 56 22.17 -3.29 5.64
CA GLY A 56 22.60 -3.82 4.36
C GLY A 56 21.53 -4.14 3.33
N VAL A 57 20.24 -4.17 3.70
CA VAL A 57 19.18 -4.53 2.72
C VAL A 57 18.69 -3.23 2.07
N THR A 58 18.68 -3.14 0.73
CA THR A 58 18.18 -1.91 0.06
C THR A 58 16.63 -1.88 0.00
N VAL A 59 16.01 -0.78 0.46
CA VAL A 59 14.56 -0.62 0.47
C VAL A 59 14.25 0.68 -0.31
N ALA A 60 13.22 0.65 -1.19
CA ALA A 60 12.66 1.86 -1.87
C ALA A 60 11.49 2.44 -1.02
N PHE A 61 11.48 3.74 -0.78
CA PHE A 61 10.35 4.38 -0.06
C PHE A 61 9.73 5.32 -1.06
N LEU A 62 8.41 5.25 -1.17
CA LEU A 62 7.67 6.09 -2.11
C LEU A 62 6.60 6.82 -1.29
N THR A 63 6.63 8.15 -1.33
CA THR A 63 5.66 8.97 -0.60
C THR A 63 4.44 9.09 -1.51
N ARG A 64 3.44 8.30 -1.22
CA ARG A 64 2.23 8.22 -2.00
C ARG A 64 1.61 9.60 -2.38
N HIS A 65 1.48 10.47 -1.40
CA HIS A 65 0.82 11.78 -1.63
C HIS A 65 1.71 12.92 -2.06
N GLY A 66 2.98 12.60 -2.31
CA GLY A 66 3.99 13.58 -2.74
C GLY A 66 4.53 14.34 -1.52
N GLN A 67 5.58 15.14 -1.72
CA GLN A 67 6.14 15.92 -0.58
C GLN A 67 5.15 17.00 -0.19
N GLY A 68 5.08 17.24 1.11
CA GLY A 68 4.10 18.14 1.70
C GLY A 68 2.67 17.64 1.54
N HIS A 69 2.49 16.35 1.29
CA HIS A 69 1.17 15.79 1.15
C HIS A 69 0.37 16.58 0.11
N ARG A 70 0.89 16.70 -1.09
CA ARG A 70 0.23 17.59 -2.04
C ARG A 70 -0.85 16.98 -2.91
N LEU A 71 -1.08 15.66 -2.86
CA LEU A 71 -2.06 14.99 -3.78
C LEU A 71 -3.25 14.45 -3.01
N THR A 72 -4.46 14.58 -3.54
CA THR A 72 -5.62 13.87 -3.02
C THR A 72 -5.55 12.42 -3.53
N PRO A 73 -6.20 11.49 -2.85
CA PRO A 73 -6.19 10.06 -3.21
C PRO A 73 -6.62 9.86 -4.59
N SER A 74 -7.67 10.60 -5.00
CA SER A 74 -8.17 10.43 -6.38
C SER A 74 -7.14 10.70 -7.48
N GLU A 75 -6.17 11.57 -7.22
CA GLU A 75 -5.26 12.01 -8.29
C GLU A 75 -3.88 11.34 -8.17
N VAL A 76 -3.68 10.44 -7.20
CA VAL A 76 -2.35 9.81 -7.06
C VAL A 76 -2.08 9.05 -8.33
N PRO A 77 -0.84 9.16 -8.85
CA PRO A 77 -0.53 8.51 -10.09
C PRO A 77 -0.18 7.05 -9.77
N TYR A 78 -1.20 6.24 -9.53
CA TYR A 78 -0.96 4.84 -9.09
C TYR A 78 -0.17 4.01 -10.13
N ARG A 79 -0.51 4.14 -11.41
CA ARG A 79 0.17 3.39 -12.43
C ARG A 79 1.64 3.74 -12.53
N ALA A 80 1.97 5.02 -12.50
CA ALA A 80 3.41 5.44 -12.55
C ALA A 80 4.19 4.95 -11.31
N ASN A 81 3.53 5.02 -10.14
CA ASN A 81 4.10 4.60 -8.91
C ASN A 81 4.44 3.11 -8.95
N ILE A 82 3.49 2.29 -9.33
CA ILE A 82 3.74 0.84 -9.32
C ILE A 82 4.71 0.53 -10.46
N TYR A 83 4.55 1.16 -11.65
CA TYR A 83 5.48 0.81 -12.75
C TYR A 83 6.94 1.11 -12.34
N ALA A 84 7.14 2.26 -11.70
CA ALA A 84 8.49 2.69 -11.27
C ALA A 84 9.10 1.69 -10.30
N LEU A 85 8.30 1.15 -9.37
CA LEU A 85 8.79 0.19 -8.39
C LEU A 85 9.17 -1.10 -9.14
N LYS A 86 8.36 -1.48 -10.12
CA LYS A 86 8.66 -2.69 -10.88
C LYS A 86 10.02 -2.50 -11.59
N THR A 87 10.32 -1.31 -12.13
CA THR A 87 11.63 -1.12 -12.83
C THR A 87 12.83 -1.22 -11.85
N LEU A 88 12.59 -1.08 -10.54
CA LEU A 88 13.69 -1.22 -9.55
C LEU A 88 13.88 -2.70 -9.19
N GLY A 89 13.01 -3.57 -9.72
CA GLY A 89 13.02 -5.02 -9.44
C GLY A 89 12.33 -5.42 -8.14
N VAL A 90 11.48 -4.52 -7.63
CA VAL A 90 10.76 -4.76 -6.35
C VAL A 90 9.89 -6.00 -6.51
N ARG A 91 9.98 -6.89 -5.53
CA ARG A 91 9.18 -8.12 -5.51
CA ARG A 91 9.13 -8.08 -5.53
C ARG A 91 8.18 -8.07 -4.35
N TYR A 92 8.39 -7.16 -3.40
CA TYR A 92 7.51 -7.10 -2.27
C TYR A 92 7.18 -5.67 -1.96
N ILE A 93 5.88 -5.39 -1.75
CA ILE A 93 5.50 -4.00 -1.31
C ILE A 93 4.73 -4.03 0.00
N VAL A 94 5.11 -3.19 0.95
CA VAL A 94 4.32 -2.93 2.11
C VAL A 94 3.76 -1.55 1.96
N SER A 95 2.46 -1.52 1.88
CA SER A 95 1.75 -0.25 1.80
C SER A 95 1.27 0.22 3.19
N VAL A 96 1.57 1.42 3.57
CA VAL A 96 1.25 1.84 4.91
C VAL A 96 0.22 2.92 4.76
N SER A 97 -0.94 2.79 5.43
CA SER A 97 -1.95 3.83 5.23
C SER A 97 -2.84 4.13 6.44
N ALA A 98 -3.31 5.37 6.54
CA ALA A 98 -4.19 5.79 7.68
C ALA A 98 -5.60 5.32 7.37
N VAL A 99 -6.33 4.79 8.37
CA VAL A 99 -7.68 4.26 8.10
C VAL A 99 -8.63 4.63 9.24
N GLY A 100 -9.92 4.66 8.90
CA GLY A 100 -10.97 4.89 9.89
C GLY A 100 -11.39 3.47 10.30
N SER A 101 -11.77 3.26 11.56
CA SER A 101 -12.34 1.96 12.00
C SER A 101 -13.84 1.88 11.78
N LEU A 102 -14.30 0.72 11.34
CA LEU A 102 -15.77 0.49 11.31
C LEU A 102 -16.21 -0.43 12.45
N GLN A 103 -15.35 -0.71 13.43
CA GLN A 103 -15.61 -1.79 14.36
C GLN A 103 -15.15 -1.32 15.75
N GLU A 104 -15.98 -1.58 16.76
CA GLU A 104 -15.66 -1.19 18.17
C GLU A 104 -14.30 -1.68 18.69
N THR A 105 -13.89 -2.86 18.28
CA THR A 105 -12.65 -3.43 18.84
C THR A 105 -11.42 -2.94 18.11
N LEU A 106 -11.60 -2.28 16.96
CA LEU A 106 -10.47 -1.59 16.28
C LEU A 106 -10.42 -0.14 16.72
N LYS A 107 -9.45 0.17 17.59
CA LYS A 107 -9.30 1.49 18.22
C LYS A 107 -8.16 2.39 17.63
N PRO A 108 -8.32 3.72 17.75
CA PRO A 108 -7.25 4.66 17.35
C PRO A 108 -5.86 4.24 17.93
N LEU A 109 -4.76 4.38 17.17
CA LEU A 109 -3.43 3.75 17.49
C LEU A 109 -3.32 2.21 17.35
N ASP A 110 -4.42 1.49 17.04
CA ASP A 110 -4.25 0.08 16.70
C ASP A 110 -3.74 0.04 15.26
N MET A 111 -3.11 -1.08 14.92
CA MET A 111 -2.87 -1.40 13.49
C MET A 111 -3.68 -2.60 13.04
N VAL A 112 -3.89 -2.72 11.74
CA VAL A 112 -4.74 -3.73 11.20
C VAL A 112 -4.00 -4.21 9.95
N ILE A 113 -3.92 -5.52 9.80
CA ILE A 113 -3.38 -6.17 8.60
C ILE A 113 -4.51 -6.87 7.89
N PRO A 114 -5.14 -6.17 6.99
CA PRO A 114 -6.32 -6.80 6.37
C PRO A 114 -5.92 -8.00 5.47
N ASP A 115 -6.83 -8.93 5.31
CA ASP A 115 -6.58 -9.98 4.29
C ASP A 115 -7.48 -9.80 3.04
N GLN A 116 -8.49 -8.93 3.16
CA GLN A 116 -9.46 -8.71 2.07
C GLN A 116 -9.67 -7.26 1.77
N MET A 117 -10.25 -6.96 0.60
CA MET A 117 -10.50 -5.56 0.21
CA MET A 117 -10.52 -5.58 0.20
C MET A 117 -11.76 -5.51 -0.65
N ILE A 118 -12.42 -4.38 -0.60
CA ILE A 118 -13.57 -4.11 -1.47
C ILE A 118 -13.27 -2.77 -2.15
N ASP A 119 -13.25 -2.76 -3.50
CA ASP A 119 -12.87 -1.56 -4.24
C ASP A 119 -14.14 -0.74 -4.51
N MET A 120 -14.39 0.32 -3.74
CA MET A 120 -15.52 1.20 -4.07
CA MET A 120 -15.53 1.24 -4.01
C MET A 120 -15.07 2.51 -4.71
N THR A 121 -13.81 2.58 -5.15
CA THR A 121 -13.35 3.84 -5.79
C THR A 121 -14.10 3.91 -7.14
N LYS A 122 -14.17 5.10 -7.73
CA LYS A 122 -14.98 5.32 -8.95
C LYS A 122 -14.19 5.79 -10.17
N GLN A 123 -13.24 6.69 -9.95
CA GLN A 123 -12.69 7.50 -11.05
C GLN A 123 -11.20 7.29 -11.21
N ARG A 124 -10.72 6.15 -10.81
CA ARG A 124 -9.32 5.88 -10.92
C ARG A 124 -9.02 4.88 -12.01
N VAL A 125 -8.01 5.13 -12.80
CA VAL A 125 -7.60 4.12 -13.74
C VAL A 125 -7.02 2.91 -12.98
N SER A 126 -7.62 1.75 -13.11
CA SER A 126 -7.30 0.67 -12.17
C SER A 126 -6.69 -0.57 -12.85
N THR A 127 -6.12 -0.37 -14.05
CA THR A 127 -5.39 -1.46 -14.74
C THR A 127 -4.32 -0.86 -15.61
N PHE A 128 -3.31 -1.69 -15.93
CA PHE A 128 -2.35 -1.30 -16.92
C PHE A 128 -2.83 -1.70 -18.30
N PHE A 129 -3.86 -2.56 -18.35
CA PHE A 129 -4.29 -3.14 -19.63
C PHE A 129 -5.36 -2.30 -20.39
N GLY A 130 -5.76 -2.73 -21.58
CA GLY A 130 -6.57 -1.89 -22.47
C GLY A 130 -5.61 -1.38 -23.54
N ASP A 131 -6.18 -0.68 -24.51
CA ASP A 131 -5.47 -0.08 -25.64
C ASP A 131 -4.42 -0.98 -26.23
N GLY A 132 -4.81 -2.21 -26.63
CA GLY A 132 -3.86 -3.12 -27.33
C GLY A 132 -3.43 -4.40 -26.56
N ALA A 133 -3.82 -4.52 -25.32
CA ALA A 133 -3.52 -5.75 -24.53
C ALA A 133 -4.65 -6.00 -23.51
N VAL A 134 -5.02 -7.27 -23.37
CA VAL A 134 -6.08 -7.72 -22.45
C VAL A 134 -5.50 -8.74 -21.47
N ALA A 135 -5.73 -8.54 -20.16
CA ALA A 135 -5.33 -9.52 -19.11
C ALA A 135 -6.36 -9.42 -18.00
N HIS A 136 -6.61 -10.54 -17.31
CA HIS A 136 -7.59 -10.60 -16.20
C HIS A 136 -6.95 -11.30 -15.04
N VAL A 137 -6.24 -10.58 -14.16
CA VAL A 137 -5.63 -11.23 -13.01
C VAL A 137 -6.70 -11.51 -11.94
N SER A 138 -6.44 -12.53 -11.14
CA SER A 138 -7.28 -12.88 -10.00
C SER A 138 -6.92 -11.99 -8.81
N MET A 139 -7.93 -11.39 -8.19
CA MET A 139 -7.67 -10.61 -6.98
C MET A 139 -8.37 -11.34 -5.82
N ALA A 140 -8.63 -12.64 -5.97
CA ALA A 140 -9.41 -13.42 -4.93
C ALA A 140 -8.83 -13.13 -3.55
N ASP A 141 -7.49 -13.32 -3.47
CA ASP A 141 -6.73 -12.90 -2.29
C ASP A 141 -5.87 -11.68 -2.63
N PRO A 142 -6.36 -10.47 -2.29
CA PRO A 142 -5.80 -9.29 -2.93
C PRO A 142 -4.54 -8.84 -2.20
N LEU A 143 -4.24 -9.40 -1.02
CA LEU A 143 -3.14 -8.96 -0.18
C LEU A 143 -2.42 -10.25 0.20
N CYS A 144 -1.17 -10.30 -0.19
CA CYS A 144 -0.29 -11.50 -0.12
CA CYS A 144 -0.42 -11.53 -0.15
C CYS A 144 -0.29 -12.06 1.26
N PRO A 145 -0.83 -13.28 1.49
CA PRO A 145 -0.82 -13.73 2.90
C PRO A 145 0.61 -13.96 3.50
N GLU A 146 1.63 -14.25 2.67
CA GLU A 146 3.01 -14.43 3.21
C GLU A 146 3.53 -13.09 3.79
N VAL A 147 3.28 -11.99 3.07
CA VAL A 147 3.71 -10.70 3.51
C VAL A 147 2.85 -10.24 4.69
N ALA A 148 1.54 -10.51 4.65
CA ALA A 148 0.68 -10.23 5.81
C ALA A 148 1.11 -11.06 7.01
N ASP A 149 1.48 -12.33 6.83
CA ASP A 149 1.95 -13.06 8.02
C ASP A 149 3.24 -12.44 8.59
N ILE A 150 4.15 -11.99 7.71
CA ILE A 150 5.36 -11.32 8.19
C ILE A 150 5.05 -10.03 8.95
N LEU A 151 4.09 -9.28 8.45
CA LEU A 151 3.72 -8.03 9.16
C LEU A 151 3.23 -8.26 10.57
N ILE A 152 2.43 -9.31 10.77
CA ILE A 152 1.97 -9.69 12.13
C ILE A 152 3.17 -9.96 13.08
N ARG A 153 4.15 -10.74 12.62
CA ARG A 153 5.34 -11.09 13.44
C ARG A 153 6.23 -9.88 13.58
N ALA A 154 6.25 -9.04 12.55
CA ALA A 154 7.06 -7.84 12.59
C ALA A 154 6.50 -6.90 13.68
N TYR A 155 5.16 -6.80 13.77
CA TYR A 155 4.51 -5.91 14.75
C TYR A 155 4.87 -6.36 16.17
N ASP A 156 4.81 -7.67 16.39
CA ASP A 156 5.15 -8.22 17.69
C ASP A 156 6.62 -7.95 17.98
N ASN A 157 7.45 -8.10 16.97
CA ASN A 157 8.87 -7.92 17.15
C ASN A 157 9.23 -6.47 17.47
N ALA A 158 8.40 -5.55 17.02
CA ALA A 158 8.63 -4.14 17.21
C ALA A 158 8.32 -3.70 18.62
N ASP A 159 7.68 -4.56 19.43
CA ASP A 159 7.23 -4.23 20.81
CA ASP A 159 7.37 -4.19 20.83
C ASP A 159 6.61 -2.83 20.90
N ILE A 160 5.50 -2.66 20.22
CA ILE A 160 4.87 -1.33 20.21
C ILE A 160 4.14 -1.09 21.55
N ALA A 161 4.27 0.10 22.11
CA ALA A 161 3.75 0.42 23.47
C ALA A 161 2.23 0.59 23.52
N ASP A 162 1.64 1.37 22.63
CA ASP A 162 0.19 1.52 22.63
C ASP A 162 -0.48 0.68 21.55
N GLY A 163 -1.70 0.21 21.84
CA GLY A 163 -2.58 -0.39 20.84
C GLY A 163 -2.27 -1.87 20.68
N GLN A 164 -2.99 -2.50 19.78
CA GLN A 164 -2.72 -3.87 19.42
C GLN A 164 -2.83 -3.97 17.91
N CYS A 165 -2.45 -5.10 17.32
CA CYS A 165 -2.54 -5.34 15.92
C CYS A 165 -3.53 -6.47 15.67
N HIS A 166 -4.40 -6.27 14.68
CA HIS A 166 -5.47 -7.16 14.31
C HIS A 166 -5.26 -7.66 12.91
N ALA A 167 -5.53 -8.92 12.62
CA ALA A 167 -5.31 -9.46 11.25
C ALA A 167 -6.61 -10.00 10.70
N LYS A 168 -6.64 -10.45 9.46
CA LYS A 168 -7.88 -11.01 8.87
C LYS A 168 -9.06 -10.05 8.92
N ALA A 169 -8.86 -8.84 8.46
CA ALA A 169 -9.86 -7.79 8.42
C ALA A 169 -10.14 -7.42 6.91
N THR A 170 -11.31 -6.85 6.64
CA THR A 170 -11.69 -6.33 5.30
C THR A 170 -11.60 -4.77 5.19
N TYR A 171 -10.75 -4.29 4.27
CA TYR A 171 -10.53 -2.84 3.94
C TYR A 171 -11.44 -2.39 2.78
N VAL A 172 -12.32 -1.43 3.06
CA VAL A 172 -13.13 -0.87 1.98
C VAL A 172 -12.40 0.40 1.51
N CYS A 173 -12.18 0.53 0.21
CA CYS A 173 -11.49 1.73 -0.32
C CYS A 173 -12.54 2.60 -0.99
N ILE A 174 -12.61 3.88 -0.57
CA ILE A 174 -13.61 4.80 -1.15
C ILE A 174 -12.89 5.87 -1.98
N GLU A 175 -13.63 6.59 -2.84
CA GLU A 175 -13.04 7.57 -3.71
C GLU A 175 -12.45 8.75 -2.93
N GLY A 176 -13.17 9.24 -1.91
CA GLY A 176 -12.85 10.51 -1.28
C GLY A 176 -13.13 11.67 -2.20
N PRO A 177 -12.62 12.87 -1.86
CA PRO A 177 -11.73 13.09 -0.65
C PRO A 177 -12.53 13.30 0.66
N GLN A 178 -13.88 13.43 0.60
CA GLN A 178 -14.61 13.64 1.86
C GLN A 178 -14.74 12.39 2.69
N PHE A 179 -14.88 12.56 4.01
CA PHE A 179 -15.20 11.40 4.85
C PHE A 179 -16.66 10.98 4.68
N SER A 180 -16.96 9.72 5.04
CA SER A 180 -18.27 9.09 4.76
C SER A 180 -19.42 9.71 5.48
N THR A 181 -20.62 9.60 4.91
CA THR A 181 -21.79 10.00 5.66
C THR A 181 -22.01 8.85 6.69
N ARG A 182 -22.82 9.06 7.72
CA ARG A 182 -23.14 7.99 8.67
C ARG A 182 -23.84 6.86 7.99
N ALA A 183 -24.78 7.15 7.07
CA ALA A 183 -25.42 6.08 6.28
C ALA A 183 -24.45 5.20 5.48
N GLU A 184 -23.41 5.78 4.90
CA GLU A 184 -22.47 5.01 4.11
C GLU A 184 -21.67 4.16 5.12
N SER A 185 -21.28 4.74 6.25
CA SER A 185 -20.55 3.99 7.26
C SER A 185 -21.34 2.77 7.73
N HIS A 186 -22.64 2.95 7.98
CA HIS A 186 -23.57 1.87 8.35
CA HIS A 186 -23.51 1.85 8.37
C HIS A 186 -23.61 0.85 7.25
N TRP A 187 -23.67 1.32 6.01
CA TRP A 187 -23.72 0.41 4.86
C TRP A 187 -22.40 -0.45 4.76
N TYR A 188 -21.25 0.17 4.96
CA TYR A 188 -19.97 -0.61 4.92
C TYR A 188 -19.87 -1.67 5.98
N ARG A 189 -20.31 -1.30 7.21
CA ARG A 189 -20.49 -2.27 8.29
C ARG A 189 -21.37 -3.46 7.90
N GLN A 190 -22.53 -3.21 7.24
CA GLN A 190 -23.41 -4.31 6.80
C GLN A 190 -22.75 -5.18 5.70
N MET A 191 -21.86 -4.60 4.90
CA MET A 191 -21.09 -5.38 3.94
C MET A 191 -19.94 -6.10 4.64
N GLN A 192 -19.87 -6.00 5.98
CA GLN A 192 -18.80 -6.63 6.77
C GLN A 192 -17.41 -6.05 6.50
N ALA A 193 -17.33 -4.79 6.10
CA ALA A 193 -15.99 -4.22 6.09
C ALA A 193 -15.61 -3.82 7.53
N ASP A 194 -14.31 -3.71 7.84
CA ASP A 194 -13.77 -3.45 9.20
C ASP A 194 -13.07 -2.09 9.27
N ILE A 195 -12.39 -1.72 8.16
CA ILE A 195 -11.63 -0.44 8.11
C ILE A 195 -11.88 0.22 6.77
N ILE A 196 -11.71 1.54 6.75
CA ILE A 196 -11.96 2.30 5.55
C ILE A 196 -10.76 3.20 5.24
N GLY A 197 -10.31 3.11 3.99
CA GLY A 197 -9.35 4.11 3.50
C GLY A 197 -9.65 4.57 2.08
N MET A 198 -8.73 5.37 1.51
CA MET A 198 -8.94 5.96 0.23
C MET A 198 -7.86 5.60 -0.81
N THR A 199 -6.81 4.86 -0.42
CA THR A 199 -5.59 4.76 -1.26
C THR A 199 -5.15 3.36 -1.72
N ASN A 200 -5.62 2.25 -1.12
CA ASN A 200 -4.99 1.00 -1.44
C ASN A 200 -5.65 0.35 -2.65
N MET A 201 -6.72 0.99 -3.16
CA MET A 201 -7.19 0.70 -4.50
C MET A 201 -7.04 1.92 -5.35
N PRO A 202 -6.52 1.78 -6.59
CA PRO A 202 -6.16 0.54 -7.36
C PRO A 202 -4.73 0.00 -7.12
N GLU A 203 -4.03 0.54 -6.12
CA GLU A 203 -2.65 0.13 -5.80
C GLU A 203 -2.54 -1.40 -5.77
N ALA A 204 -3.43 -2.08 -5.03
CA ALA A 204 -3.35 -3.52 -4.94
C ALA A 204 -3.58 -4.26 -6.28
N LYS A 205 -4.51 -3.76 -7.12
CA LYS A 205 -4.79 -4.35 -8.42
C LYS A 205 -3.56 -4.20 -9.36
N LEU A 206 -3.01 -3.00 -9.38
CA LEU A 206 -1.82 -2.71 -10.22
C LEU A 206 -0.62 -3.54 -9.79
N ALA A 207 -0.40 -3.64 -8.46
CA ALA A 207 0.74 -4.38 -7.96
C ALA A 207 0.58 -5.85 -8.40
N ARG A 208 -0.67 -6.37 -8.36
CA ARG A 208 -0.94 -7.75 -8.79
C ARG A 208 -0.59 -7.95 -10.29
N GLU A 209 -1.02 -7.01 -11.11
CA GLU A 209 -0.70 -7.03 -12.54
C GLU A 209 0.77 -6.96 -12.82
N ALA A 210 1.46 -6.28 -11.93
CA ALA A 210 2.90 -6.10 -12.00
C ALA A 210 3.66 -7.28 -11.44
N SER A 211 2.94 -8.29 -10.97
CA SER A 211 3.54 -9.48 -10.31
C SER A 211 4.37 -9.16 -9.10
N ILE A 212 3.90 -8.21 -8.29
CA ILE A 212 4.65 -7.87 -7.09
C ILE A 212 3.78 -8.23 -5.92
N ALA A 213 4.34 -8.86 -4.89
CA ALA A 213 3.59 -9.21 -3.73
C ALA A 213 3.29 -7.95 -2.95
N TYR A 214 2.05 -7.83 -2.49
CA TYR A 214 1.65 -6.55 -1.93
C TYR A 214 0.80 -6.83 -0.70
N ALA A 215 1.05 -6.12 0.40
CA ALA A 215 0.21 -6.21 1.59
C ALA A 215 0.15 -4.86 2.31
N THR A 216 -0.86 -4.71 3.13
CA THR A 216 -1.12 -3.39 3.74
C THR A 216 -0.88 -3.45 5.26
N LEU A 217 -0.21 -2.45 5.78
CA LEU A 217 -0.25 -2.15 7.20
C LEU A 217 -1.15 -0.86 7.48
N ALA A 218 -2.31 -1.08 8.07
CA ALA A 218 -3.30 0.01 8.22
C ALA A 218 -3.15 0.60 9.62
N LEU A 219 -3.15 1.92 9.76
CA LEU A 219 -3.00 2.57 11.05
C LEU A 219 -4.32 3.24 11.38
N VAL A 220 -4.96 2.76 12.42
CA VAL A 220 -6.25 3.28 12.78
C VAL A 220 -6.10 4.65 13.32
N THR A 221 -6.80 5.61 12.73
CA THR A 221 -6.57 6.94 13.20
C THR A 221 -7.83 7.49 13.86
N ASP A 222 -8.98 6.94 13.52
CA ASP A 222 -10.21 7.28 14.28
CA ASP A 222 -10.16 7.17 14.35
C ASP A 222 -11.37 6.30 13.99
N PHE A 223 -12.43 6.36 14.79
CA PHE A 223 -13.66 5.68 14.37
C PHE A 223 -14.20 6.56 13.22
N ASP A 224 -14.36 5.92 12.07
CA ASP A 224 -15.25 6.43 11.06
C ASP A 224 -16.54 6.78 11.82
N CYS A 225 -17.29 7.72 11.25
CA CYS A 225 -18.51 8.34 11.83
C CYS A 225 -19.67 7.42 12.32
N TRP A 226 -19.60 6.10 12.09
CA TRP A 226 -20.51 5.11 12.71
C TRP A 226 -20.52 5.29 14.22
N HIS A 227 -19.53 6.04 14.71
CA HIS A 227 -19.36 6.36 16.12
C HIS A 227 -19.25 7.87 16.25
N PRO A 228 -20.34 8.57 16.65
CA PRO A 228 -20.32 10.04 16.76
C PRO A 228 -19.42 10.53 17.90
N ASN A 229 -18.36 11.26 17.54
CA ASN A 229 -17.31 11.68 18.48
C ASN A 229 -16.86 13.15 18.34
N GLU A 230 -16.44 13.54 17.13
CA GLU A 230 -15.69 14.80 16.89
C GLU A 230 -14.48 14.90 17.84
N GLN A 231 -13.70 13.82 17.86
CA GLN A 231 -12.57 13.64 18.79
C GLN A 231 -11.49 12.72 18.17
N ALA A 232 -10.25 12.84 18.69
CA ALA A 232 -9.03 12.32 18.05
C ALA A 232 -8.77 13.09 16.75
N VAL A 233 -9.44 14.24 16.62
CA VAL A 233 -9.18 15.27 15.60
C VAL A 233 -9.16 16.62 16.35
N SER A 234 -8.23 16.74 17.30
CA SER A 234 -8.11 17.91 18.19
C SER A 234 -6.66 18.46 18.27
N ALA A 235 -6.49 19.62 18.91
CA ALA A 235 -5.17 20.26 19.09
C ALA A 235 -4.16 19.35 19.80
N ASP A 236 -4.49 18.92 21.02
CA ASP A 236 -3.64 18.00 21.79
C ASP A 236 -3.74 16.52 21.34
N TYR A 237 -4.41 16.28 20.21
CA TYR A 237 -4.65 14.93 19.74
C TYR A 237 -4.16 14.37 18.38
N ALA A 238 -4.74 14.84 17.26
CA ALA A 238 -4.47 14.27 15.91
C ALA A 238 -3.03 14.59 15.49
N ILE A 239 -2.37 15.45 16.26
CA ILE A 239 -0.93 15.68 16.12
C ILE A 239 -0.21 14.48 16.76
N GLN A 240 -0.46 14.26 18.05
CA GLN A 240 0.10 13.13 18.80
C GLN A 240 -0.37 11.80 18.21
N ASN A 241 -1.65 11.73 17.84
CA ASN A 241 -2.27 10.55 17.20
C ASN A 241 -1.49 10.17 15.94
N LEU A 242 -1.44 11.10 15.00
CA LEU A 242 -0.81 10.82 13.71
C LEU A 242 0.69 10.63 13.84
N MET A 243 1.28 11.40 14.74
CA MET A 243 2.68 11.34 15.10
C MET A 243 3.06 9.97 15.59
N LYS A 244 2.29 9.49 16.57
CA LYS A 244 2.57 8.24 17.22
C LYS A 244 2.35 7.07 16.27
N ASN A 245 1.27 7.13 15.50
CA ASN A 245 1.01 6.11 14.47
C ASN A 245 2.22 6.06 13.56
N ALA A 246 2.66 7.24 13.09
CA ALA A 246 3.79 7.35 12.15
C ALA A 246 5.10 6.73 12.72
N ASP A 247 5.44 7.11 13.94
CA ASP A 247 6.59 6.55 14.62
C ASP A 247 6.54 5.03 14.92
N ASN A 248 5.40 4.58 15.48
CA ASN A 248 5.13 3.14 15.62
C ASN A 248 5.23 2.45 14.26
N ALA A 249 4.66 3.08 13.22
CA ALA A 249 4.67 2.41 11.87
C ALA A 249 6.12 2.15 11.38
N GLN A 250 6.99 3.11 11.63
CA GLN A 250 8.42 3.00 11.30
C GLN A 250 9.15 1.81 11.97
N GLN A 251 8.89 1.65 13.27
CA GLN A 251 9.38 0.45 13.99
C GLN A 251 8.93 -0.90 13.35
N VAL A 252 7.65 -0.95 12.95
CA VAL A 252 7.10 -2.20 12.40
C VAL A 252 7.79 -2.45 11.06
N ILE A 253 7.88 -1.42 10.21
CA ILE A 253 8.52 -1.54 8.89
C ILE A 253 9.97 -2.04 9.06
N LYS A 254 10.74 -1.48 10.00
CA LYS A 254 12.12 -2.00 10.23
C LYS A 254 12.18 -3.52 10.44
N GLN A 255 11.29 -4.00 11.32
CA GLN A 255 11.13 -5.41 11.61
C GLN A 255 10.65 -6.20 10.39
N ALA A 256 9.70 -5.62 9.62
CA ALA A 256 9.21 -6.33 8.46
C ALA A 256 10.28 -6.50 7.39
N VAL A 257 11.04 -5.44 7.08
CA VAL A 257 12.12 -5.53 6.10
C VAL A 257 13.08 -6.70 6.49
N ALA A 258 13.44 -6.81 7.75
CA ALA A 258 14.47 -7.79 8.11
C ALA A 258 13.88 -9.17 7.84
N LEU A 259 12.60 -9.37 8.16
CA LEU A 259 11.97 -10.70 7.92
C LEU A 259 11.79 -11.00 6.46
N ILE A 260 11.38 -9.98 5.68
CA ILE A 260 11.19 -10.26 4.26
C ILE A 260 12.60 -10.63 3.67
N ALA A 261 13.63 -9.89 4.07
CA ALA A 261 14.98 -10.13 3.53
C ALA A 261 15.44 -11.56 3.87
N SER A 262 15.22 -12.03 5.09
CA SER A 262 15.84 -13.35 5.43
C SER A 262 14.98 -14.50 4.98
N GLU A 263 13.66 -14.27 4.88
CA GLU A 263 12.71 -15.33 4.60
C GLU A 263 12.35 -15.46 3.12
N GLN A 264 12.30 -14.37 2.36
CA GLN A 264 12.01 -14.45 0.91
C GLN A 264 10.87 -15.38 0.50
N PRO A 265 9.70 -15.24 1.12
CA PRO A 265 8.57 -16.10 0.85
C PRO A 265 8.16 -16.05 -0.60
N LYS A 266 7.73 -17.19 -1.13
CA LYS A 266 7.22 -17.27 -2.50
C LYS A 266 5.83 -16.66 -2.40
N SER A 267 5.45 -15.84 -3.37
CA SER A 267 4.14 -15.25 -3.42
C SER A 267 3.44 -15.71 -4.69
N ILE A 268 2.14 -15.99 -4.59
CA ILE A 268 1.34 -16.27 -5.78
C ILE A 268 1.36 -15.03 -6.68
N ALA A 269 1.56 -13.82 -6.12
CA ALA A 269 1.59 -12.62 -6.97
C ALA A 269 2.74 -12.69 -7.98
N HIS A 270 3.78 -13.44 -7.66
CA HIS A 270 4.96 -13.50 -8.49
C HIS A 270 4.74 -14.07 -9.86
N THR A 271 3.76 -14.93 -10.05
CA THR A 271 3.42 -15.40 -11.39
C THR A 271 2.00 -15.04 -11.81
N ALA A 272 1.44 -13.95 -11.25
CA ALA A 272 0.03 -13.58 -11.48
C ALA A 272 -0.27 -13.27 -12.94
N LEU A 273 0.67 -12.66 -13.63
CA LEU A 273 0.47 -12.37 -15.03
C LEU A 273 0.45 -13.56 -15.98
N THR A 274 1.18 -14.64 -15.67
CA THR A 274 1.44 -15.64 -16.68
C THR A 274 0.20 -16.43 -17.18
N GLN A 275 -0.76 -16.74 -16.32
CA GLN A 275 -2.00 -17.40 -16.78
C GLN A 275 -3.21 -16.40 -16.98
N ALA A 276 -2.99 -15.11 -16.69
CA ALA A 276 -4.00 -14.06 -16.84
C ALA A 276 -4.00 -13.35 -18.21
N LEU A 277 -2.88 -13.41 -18.94
CA LEU A 277 -2.69 -12.64 -20.17
C LEU A 277 -3.43 -13.28 -21.30
N VAL A 278 -4.33 -12.53 -21.93
CA VAL A 278 -5.15 -13.06 -23.03
C VAL A 278 -4.45 -12.74 -24.35
N THR A 279 -3.84 -11.56 -24.48
CA THR A 279 -3.24 -11.17 -25.76
C THR A 279 -1.84 -11.67 -25.73
N PRO A 280 -1.50 -12.63 -26.60
CA PRO A 280 -0.07 -13.00 -26.54
C PRO A 280 0.85 -11.83 -26.92
N VAL A 281 1.99 -11.76 -26.24
CA VAL A 281 3.02 -10.72 -26.55
C VAL A 281 3.28 -10.56 -28.08
N GLU A 282 3.32 -11.67 -28.81
CA GLU A 282 3.58 -11.59 -30.24
C GLU A 282 2.44 -10.95 -31.07
N ALA A 283 1.28 -10.72 -30.45
CA ALA A 283 0.13 -10.06 -31.12
C ALA A 283 0.04 -8.57 -30.71
N MET A 284 0.89 -8.12 -29.79
CA MET A 284 0.82 -6.71 -29.35
C MET A 284 1.48 -5.80 -30.37
N SER A 285 0.99 -4.58 -30.47
CA SER A 285 1.71 -3.63 -31.30
C SER A 285 3.06 -3.27 -30.62
N ALA A 286 3.95 -2.59 -31.34
CA ALA A 286 5.18 -2.05 -30.75
C ALA A 286 4.93 -1.02 -29.65
N GLU A 287 3.89 -0.18 -29.82
CA GLU A 287 3.59 0.86 -28.82
C GLU A 287 3.11 0.18 -27.52
N THR A 288 2.29 -0.84 -27.68
CA THR A 288 1.78 -1.58 -26.52
C THR A 288 2.88 -2.33 -25.75
N LYS A 289 3.68 -3.12 -26.46
CA LYS A 289 4.81 -3.85 -25.84
C LYS A 289 5.74 -2.89 -25.10
N THR A 290 5.97 -1.70 -25.66
CA THR A 290 6.83 -0.70 -25.08
C THR A 290 6.28 -0.13 -23.80
N ARG A 291 5.00 0.19 -23.82
CA ARG A 291 4.29 0.70 -22.68
C ARG A 291 4.28 -0.30 -21.54
N LEU A 292 4.19 -1.56 -21.88
CA LEU A 292 4.02 -2.61 -20.88
C LEU A 292 5.32 -3.32 -20.53
N ALA A 293 6.44 -2.80 -20.99
CA ALA A 293 7.67 -3.57 -21.06
C ALA A 293 8.04 -4.15 -19.70
N ALA A 294 8.02 -3.30 -18.65
CA ALA A 294 8.52 -3.75 -17.32
C ALA A 294 7.60 -4.83 -16.70
N LEU A 295 6.33 -4.88 -17.14
CA LEU A 295 5.34 -5.84 -16.63
C LEU A 295 5.50 -7.22 -17.29
N LEU A 296 6.10 -7.27 -18.46
CA LEU A 296 6.14 -8.52 -19.22
C LEU A 296 7.40 -9.39 -18.98
N PRO A 297 7.24 -10.71 -19.23
CA PRO A 297 8.20 -11.79 -18.97
C PRO A 297 9.51 -11.68 -19.74
#